data_5NY0
#
_entry.id   5NY0
#
_cell.length_a   162.356
_cell.length_b   162.356
_cell.length_c   146.777
_cell.angle_alpha   90.00
_cell.angle_beta   90.00
_cell.angle_gamma   120.00
#
_symmetry.space_group_name_H-M   'H 3 2'
#
loop_
_entity.id
_entity.type
_entity.pdbx_description
1 polymer 'L. reuteris SRRP binding region'
2 water water
#
_entity_poly.entity_id   1
_entity_poly.type   'polypeptide(L)'
_entity_poly.pdbx_seq_one_letter_code
;EDIQADATAANASELKKALQDTSVHTIKLTDNITLTSAIELTNVSRDVTIYGNGKYINATDGNGGIFIHNTKSYTVNLTI
EKATLYNQSQYGFVHMNDEGTDNITYKNITAYGGTLVWSQTHVGTKTLSLEGTVNFYSVPSYTVGGQTYSTDAFKIGTHY
PNGENKDTTPAIYVSNEINIADNANIALENSATKIDIWMIADIGIHPHTTALTIGNNATLTMENGNNSALNIKLDGDTSN
SFTVGEGSTVKLSAKVDNVRILPYEDSNTANVSFAKGSDVTLHAGTGSNLRMGASISNQIDFNGKATFIKDSGAYANTAY
ADQTRGNIEFDYYWNDQQKTGSTGVANFNPGSNVLFQAGPGASNVNTY
;
_entity_poly.pdbx_strand_id   A
#
# COMPACT_ATOMS: atom_id res chain seq x y z
N GLU A 1 -4.71 -11.39 -29.74
CA GLU A 1 -3.77 -11.08 -30.79
C GLU A 1 -2.91 -9.87 -30.44
N ASP A 2 -1.91 -9.61 -31.28
CA ASP A 2 -0.85 -8.66 -30.96
C ASP A 2 -1.07 -7.26 -31.52
N ILE A 3 -0.40 -6.31 -30.87
CA ILE A 3 -0.42 -4.90 -31.21
C ILE A 3 1.05 -4.40 -31.11
N GLN A 4 1.38 -3.32 -31.81
CA GLN A 4 2.72 -2.71 -31.77
C GLN A 4 2.87 -1.68 -30.64
N ALA A 5 3.88 -1.82 -29.79
CA ALA A 5 4.15 -0.80 -28.77
C ALA A 5 4.72 0.46 -29.43
N ASP A 6 4.45 1.60 -28.80
CA ASP A 6 4.87 2.91 -29.33
C ASP A 6 6.38 3.09 -29.23
N ALA A 7 6.99 2.41 -28.25
CA ALA A 7 8.46 2.43 -28.17
C ALA A 7 8.98 1.17 -27.55
N THR A 8 10.26 0.90 -27.81
CA THR A 8 10.96 -0.17 -27.11
C THR A 8 12.05 0.49 -26.30
N ALA A 9 12.48 -0.17 -25.23
CA ALA A 9 13.57 0.34 -24.41
C ALA A 9 14.48 -0.80 -24.00
N ALA A 10 15.76 -0.68 -24.36
CA ALA A 10 16.76 -1.68 -24.02
C ALA A 10 17.79 -1.14 -23.03
N ASN A 11 17.66 0.13 -22.65
CA ASN A 11 18.57 0.69 -21.66
C ASN A 11 17.97 1.88 -20.96
N ALA A 12 18.70 2.47 -20.02
CA ALA A 12 18.18 3.60 -19.23
C ALA A 12 17.85 4.81 -20.10
N SER A 13 18.68 5.06 -21.11
CA SER A 13 18.49 6.25 -21.93
C SER A 13 17.21 6.15 -22.76
N GLU A 14 16.99 4.99 -23.36
CA GLU A 14 15.80 4.77 -24.18
C GLU A 14 14.55 4.77 -23.31
N LEU A 15 14.67 4.26 -22.08
CA LEU A 15 13.52 4.24 -21.17
C LEU A 15 13.15 5.66 -20.78
N LYS A 16 14.16 6.44 -20.42
CA LYS A 16 13.96 7.84 -20.09
C LYS A 16 13.30 8.60 -21.26
N LYS A 17 13.82 8.38 -22.46
CA LYS A 17 13.32 9.15 -23.61
C LYS A 17 11.85 8.76 -23.86
N ALA A 18 11.56 7.47 -23.84
CA ALA A 18 10.19 7.03 -24.07
C ALA A 18 9.23 7.54 -22.99
N LEU A 19 9.66 7.52 -21.73
CA LEU A 19 8.80 7.92 -20.61
C LEU A 19 8.53 9.42 -20.62
N GLN A 20 9.50 10.19 -21.12
CA GLN A 20 9.34 11.64 -21.16
C GLN A 20 8.65 12.15 -22.43
N ASP A 21 8.45 11.27 -23.40
CA ASP A 21 7.80 11.60 -24.68
C ASP A 21 6.27 11.51 -24.57
N THR A 22 5.57 12.64 -24.65
CA THR A 22 4.10 12.68 -24.43
C THR A 22 3.30 11.93 -25.50
N SER A 23 3.96 11.60 -26.60
CA SER A 23 3.32 10.88 -27.68
C SER A 23 3.37 9.38 -27.45
N VAL A 24 4.23 8.94 -26.52
CA VAL A 24 4.42 7.52 -26.22
C VAL A 24 3.45 7.06 -25.13
N HIS A 25 2.55 6.14 -25.47
CA HIS A 25 1.59 5.61 -24.47
C HIS A 25 1.90 4.17 -24.08
N THR A 26 2.72 3.47 -24.86
CA THR A 26 3.14 2.12 -24.50
C THR A 26 4.64 1.91 -24.77
N ILE A 27 5.29 1.26 -23.81
CA ILE A 27 6.73 1.01 -23.88
C ILE A 27 7.01 -0.46 -23.60
N LYS A 28 7.73 -1.12 -24.50
CA LYS A 28 8.09 -2.53 -24.28
C LYS A 28 9.58 -2.61 -23.92
N LEU A 29 9.89 -3.22 -22.76
CA LEU A 29 11.28 -3.43 -22.40
C LEU A 29 11.84 -4.56 -23.24
N THR A 30 13.02 -4.35 -23.83
CA THR A 30 13.63 -5.43 -24.62
C THR A 30 14.85 -6.01 -23.93
N ASP A 31 15.15 -5.50 -22.75
CA ASP A 31 16.28 -6.00 -21.96
C ASP A 31 16.14 -5.46 -20.55
N ASN A 32 16.86 -6.07 -19.61
CA ASN A 32 16.89 -5.60 -18.23
C ASN A 32 17.53 -4.22 -18.20
N ILE A 33 17.06 -3.35 -17.30
CA ILE A 33 17.52 -1.97 -17.29
C ILE A 33 18.03 -1.60 -15.92
N THR A 34 19.17 -0.93 -15.88
CA THR A 34 19.68 -0.38 -14.64
C THR A 34 19.59 1.14 -14.69
N LEU A 35 18.84 1.73 -13.77
CA LEU A 35 18.71 3.19 -13.72
C LEU A 35 19.63 3.78 -12.68
N THR A 36 20.64 4.55 -13.11
CA THR A 36 21.58 5.16 -12.17
C THR A 36 21.13 6.58 -11.79
N SER A 37 20.13 7.06 -12.51
CA SER A 37 19.49 8.33 -12.19
C SER A 37 17.97 8.09 -12.29
N ALA A 38 17.22 8.79 -11.45
CA ALA A 38 15.76 8.67 -11.47
C ALA A 38 15.21 9.30 -12.74
N ILE A 39 14.23 8.65 -13.38
CA ILE A 39 13.58 9.29 -14.53
C ILE A 39 12.50 10.25 -14.05
N GLU A 40 12.70 11.53 -14.31
CA GLU A 40 11.82 12.56 -13.78
C GLU A 40 10.70 12.92 -14.74
N LEU A 41 9.55 13.19 -14.14
CA LEU A 41 8.39 13.71 -14.87
C LEU A 41 7.92 14.93 -14.15
N THR A 42 7.99 16.08 -14.82
CA THR A 42 7.59 17.32 -14.20
C THR A 42 7.05 18.21 -15.29
N ASN A 43 6.13 19.12 -14.92
CA ASN A 43 5.41 19.94 -15.89
C ASN A 43 4.84 19.12 -17.03
N VAL A 44 4.36 17.91 -16.74
CA VAL A 44 3.87 17.06 -17.82
C VAL A 44 2.83 16.03 -17.39
N SER A 45 1.79 15.89 -18.22
CA SER A 45 0.80 14.84 -18.08
C SER A 45 1.19 13.63 -18.93
N ARG A 46 1.08 12.44 -18.36
CA ARG A 46 1.40 11.21 -19.09
C ARG A 46 0.41 10.08 -18.83
N ASP A 47 -0.06 9.45 -19.90
CA ASP A 47 -0.78 8.18 -19.82
C ASP A 47 0.09 7.15 -20.47
N VAL A 48 0.64 6.25 -19.68
CA VAL A 48 1.64 5.36 -20.26
C VAL A 48 1.76 4.06 -19.48
N THR A 49 1.93 2.97 -20.23
CA THR A 49 2.14 1.65 -19.67
C THR A 49 3.48 1.11 -20.12
N ILE A 50 4.27 0.67 -19.15
CA ILE A 50 5.48 -0.09 -19.41
C ILE A 50 5.20 -1.59 -19.39
N TYR A 51 5.32 -2.20 -20.55
CA TYR A 51 5.21 -3.66 -20.67
C TYR A 51 6.56 -4.29 -20.38
N GLY A 52 6.71 -4.80 -19.17
CA GLY A 52 7.97 -5.31 -18.69
C GLY A 52 8.55 -6.46 -19.47
N ASN A 53 7.71 -7.30 -20.05
CA ASN A 53 8.20 -8.37 -20.92
C ASN A 53 9.15 -9.29 -20.12
N GLY A 54 8.80 -9.57 -18.88
CA GLY A 54 9.60 -10.45 -18.05
C GLY A 54 11.00 -9.94 -17.71
N LYS A 55 11.25 -8.65 -17.97
CA LYS A 55 12.55 -8.05 -17.61
C LYS A 55 12.54 -7.40 -16.21
N TYR A 56 13.72 -6.94 -15.78
CA TYR A 56 13.77 -6.20 -14.53
C TYR A 56 14.25 -4.76 -14.76
N ILE A 57 13.92 -3.91 -13.79
CA ILE A 57 14.44 -2.57 -13.72
C ILE A 57 15.00 -2.39 -12.33
N ASN A 58 16.28 -2.02 -12.28
CA ASN A 58 16.95 -1.84 -11.01
C ASN A 58 17.30 -0.39 -10.85
N ALA A 59 16.58 0.29 -9.96
CA ALA A 59 16.76 1.73 -9.77
C ALA A 59 17.70 1.98 -8.60
N THR A 60 18.85 2.59 -8.86
CA THR A 60 19.86 2.69 -7.83
C THR A 60 19.99 4.13 -7.27
N ASP A 61 19.31 5.07 -7.90
CA ASP A 61 19.41 6.47 -7.49
C ASP A 61 18.70 6.77 -6.16
N GLY A 62 19.13 7.83 -5.48
CA GLY A 62 18.49 8.25 -4.24
C GLY A 62 17.06 8.74 -4.37
N ASN A 63 16.66 9.17 -5.56
CA ASN A 63 15.27 9.59 -5.75
C ASN A 63 14.30 8.52 -6.30
N GLY A 64 14.81 7.33 -6.59
CA GLY A 64 13.93 6.27 -7.08
C GLY A 64 14.16 5.96 -8.55
N GLY A 65 13.24 5.22 -9.14
CA GLY A 65 13.36 4.86 -10.54
C GLY A 65 12.59 5.84 -11.36
N ILE A 66 11.36 6.12 -10.93
CA ILE A 66 10.52 7.11 -11.59
C ILE A 66 10.05 8.12 -10.56
N PHE A 67 10.42 9.38 -10.79
CA PHE A 67 10.20 10.47 -9.83
C PHE A 67 9.26 11.46 -10.48
N ILE A 68 8.02 11.45 -10.02
CA ILE A 68 7.01 12.33 -10.53
C ILE A 68 6.86 13.55 -9.62
N HIS A 69 7.03 14.74 -10.15
CA HIS A 69 6.77 15.92 -9.32
C HIS A 69 6.10 17.01 -10.14
N ASN A 70 4.78 16.89 -10.26
CA ASN A 70 3.98 17.82 -11.04
C ASN A 70 3.24 18.83 -10.19
N THR A 71 2.96 20.00 -10.76
CA THR A 71 1.98 20.91 -10.19
C THR A 71 0.55 20.38 -10.47
N LYS A 72 -0.44 21.06 -9.88
CA LYS A 72 -1.79 20.53 -9.72
C LYS A 72 -2.62 20.23 -10.99
N SER A 73 -2.23 20.78 -12.14
CA SER A 73 -3.05 20.57 -13.35
C SER A 73 -2.62 19.34 -14.14
N TYR A 74 -1.48 18.77 -13.79
CA TYR A 74 -0.98 17.62 -14.51
C TYR A 74 -1.41 16.30 -13.86
N THR A 75 -1.55 15.29 -14.72
CA THR A 75 -2.01 13.96 -14.33
C THR A 75 -1.14 12.91 -14.97
N VAL A 76 -0.64 12.00 -14.12
CA VAL A 76 0.12 10.85 -14.58
C VAL A 76 -0.60 9.53 -14.21
N ASN A 77 -1.00 8.82 -15.25
CA ASN A 77 -1.51 7.46 -15.15
C ASN A 77 -0.39 6.55 -15.65
N LEU A 78 0.36 6.00 -14.70
CA LEU A 78 1.53 5.19 -15.03
C LEU A 78 1.24 3.75 -14.63
N THR A 79 1.37 2.83 -15.58
CA THR A 79 1.20 1.40 -15.34
C THR A 79 2.49 0.69 -15.62
N ILE A 80 2.87 -0.24 -14.76
CA ILE A 80 4.02 -1.11 -15.03
C ILE A 80 3.51 -2.54 -14.88
N GLU A 81 3.74 -3.37 -15.89
CA GLU A 81 3.28 -4.74 -15.85
C GLU A 81 4.37 -5.75 -16.24
N LYS A 82 4.27 -6.96 -15.66
CA LYS A 82 5.11 -8.11 -15.98
C LYS A 82 6.61 -7.77 -15.92
N ALA A 83 7.05 -7.40 -14.74
CA ALA A 83 8.41 -6.95 -14.51
C ALA A 83 8.79 -7.20 -13.06
N THR A 84 10.12 -7.25 -12.84
CA THR A 84 10.65 -7.19 -11.49
C THR A 84 11.26 -5.80 -11.30
N LEU A 85 10.91 -5.13 -10.20
CA LEU A 85 11.38 -3.76 -9.94
C LEU A 85 12.17 -3.76 -8.66
N TYR A 86 13.41 -3.27 -8.72
CA TYR A 86 14.25 -3.16 -7.51
C TYR A 86 14.49 -1.69 -7.25
N ASN A 87 14.54 -1.27 -5.98
CA ASN A 87 14.91 0.11 -5.69
C ASN A 87 15.66 0.28 -4.37
N GLN A 88 16.71 1.10 -4.42
CA GLN A 88 17.49 1.49 -3.24
C GLN A 88 16.90 2.70 -2.51
N SER A 89 16.10 3.50 -3.23
CA SER A 89 15.64 4.77 -2.67
C SER A 89 14.68 4.60 -1.50
N GLN A 90 14.81 5.49 -0.52
CA GLN A 90 13.85 5.57 0.58
C GLN A 90 12.50 6.05 0.09
N TYR A 91 12.45 6.55 -1.15
CA TYR A 91 11.21 7.04 -1.75
C TYR A 91 10.64 6.06 -2.78
N GLY A 92 11.07 4.81 -2.72
CA GLY A 92 10.50 3.73 -3.51
C GLY A 92 10.93 3.68 -4.97
N PHE A 93 10.45 2.69 -5.71
CA PHE A 93 10.69 2.68 -7.14
C PHE A 93 9.94 3.82 -7.79
N VAL A 94 8.67 3.97 -7.44
CA VAL A 94 7.88 5.13 -7.90
C VAL A 94 7.73 6.12 -6.73
N HIS A 95 8.17 7.34 -7.01
CA HIS A 95 8.34 8.40 -6.02
C HIS A 95 7.46 9.55 -6.46
N MET A 96 6.48 9.92 -5.64
CA MET A 96 5.50 10.92 -6.05
C MET A 96 5.54 12.14 -5.13
N ASN A 97 5.81 13.31 -5.70
CA ASN A 97 5.80 14.58 -4.98
C ASN A 97 4.70 15.54 -5.46
N ASP A 98 4.50 16.61 -4.69
CA ASP A 98 3.73 17.80 -5.11
C ASP A 98 2.25 17.56 -5.47
N GLU A 99 1.64 18.57 -6.10
CA GLU A 99 0.18 18.66 -6.18
C GLU A 99 -0.45 17.95 -7.39
N GLY A 100 0.36 17.39 -8.27
CA GLY A 100 -0.16 16.63 -9.39
C GLY A 100 -0.91 15.38 -8.95
N THR A 101 -1.85 14.96 -9.78
CA THR A 101 -2.61 13.73 -9.57
C THR A 101 -1.78 12.57 -10.12
N ASP A 102 -1.35 11.64 -9.27
CA ASP A 102 -0.52 10.51 -9.69
C ASP A 102 -1.25 9.20 -9.40
N ASN A 103 -1.49 8.43 -10.45
CA ASN A 103 -2.20 7.17 -10.38
C ASN A 103 -1.28 6.10 -10.89
N ILE A 104 -0.64 5.37 -9.98
CA ILE A 104 0.28 4.30 -10.35
C ILE A 104 -0.47 2.96 -10.38
N THR A 105 -0.21 2.13 -11.39
CA THR A 105 -0.75 0.76 -11.41
C THR A 105 0.35 -0.28 -11.57
N TYR A 106 0.37 -1.28 -10.69
CA TYR A 106 1.26 -2.43 -10.82
C TYR A 106 0.43 -3.62 -11.21
N LYS A 107 0.79 -4.28 -12.30
CA LYS A 107 0.14 -5.58 -12.60
C LYS A 107 1.14 -6.66 -12.89
N ASN A 108 0.99 -7.82 -12.25
CA ASN A 108 1.98 -8.89 -12.39
C ASN A 108 3.41 -8.39 -12.16
N ILE A 109 3.63 -7.89 -10.95
CA ILE A 109 4.87 -7.24 -10.63
C ILE A 109 5.48 -7.94 -9.44
N THR A 110 6.78 -8.19 -9.51
CA THR A 110 7.53 -8.56 -8.29
C THR A 110 8.43 -7.38 -7.91
N ALA A 111 8.36 -6.92 -6.65
CA ALA A 111 9.12 -5.73 -6.25
C ALA A 111 10.01 -5.90 -5.00
N TYR A 112 11.26 -5.41 -5.07
CA TYR A 112 12.20 -5.48 -3.96
C TYR A 112 12.64 -4.08 -3.57
N GLY A 113 12.63 -3.81 -2.27
CA GLY A 113 13.08 -2.48 -1.82
C GLY A 113 12.89 -2.38 -0.32
N GLY A 114 13.29 -1.26 0.29
CA GLY A 114 12.97 -0.98 1.69
C GLY A 114 11.57 -0.36 1.73
N THR A 115 11.50 0.93 1.43
CA THR A 115 10.25 1.56 1.02
C THR A 115 10.11 1.33 -0.49
N LEU A 116 8.97 0.76 -0.92
CA LEU A 116 8.84 0.33 -2.32
C LEU A 116 8.06 1.29 -3.20
N VAL A 117 7.10 2.01 -2.60
CA VAL A 117 6.32 3.02 -3.32
C VAL A 117 6.10 4.15 -2.35
N TRP A 118 6.27 5.39 -2.77
CA TRP A 118 6.18 6.47 -1.79
C TRP A 118 5.58 7.72 -2.41
N SER A 119 4.63 8.35 -1.71
CA SER A 119 4.11 9.64 -2.14
C SER A 119 4.10 10.66 -1.01
N GLN A 120 4.17 11.95 -1.38
CA GLN A 120 3.98 13.01 -0.40
C GLN A 120 2.51 12.97 0.01
N THR A 121 2.21 13.47 1.20
CA THR A 121 0.92 13.20 1.80
C THR A 121 0.19 14.53 2.12
N HIS A 122 0.84 15.66 1.81
CA HIS A 122 0.26 16.98 2.10
C HIS A 122 -0.15 17.76 0.85
N VAL A 123 -0.19 17.10 -0.30
CA VAL A 123 -0.38 17.83 -1.55
C VAL A 123 -1.41 17.18 -2.48
N GLY A 124 -0.94 16.61 -3.58
CA GLY A 124 -1.85 16.08 -4.59
C GLY A 124 -2.47 14.71 -4.26
N THR A 125 -3.40 14.28 -5.12
CA THR A 125 -4.08 13.02 -5.00
C THR A 125 -3.16 11.93 -5.54
N LYS A 126 -2.86 10.97 -4.67
CA LYS A 126 -1.88 9.92 -4.94
C LYS A 126 -2.53 8.56 -4.77
N THR A 127 -2.51 7.73 -5.82
CA THR A 127 -3.13 6.42 -5.73
C THR A 127 -2.23 5.31 -6.28
N LEU A 128 -2.40 4.11 -5.72
CA LEU A 128 -1.71 2.92 -6.16
C LEU A 128 -2.72 1.80 -6.36
N SER A 129 -2.73 1.23 -7.56
CA SER A 129 -3.69 0.18 -7.88
C SER A 129 -2.93 -1.09 -8.26
N LEU A 130 -3.47 -2.24 -7.87
CA LEU A 130 -2.72 -3.49 -7.98
C LEU A 130 -3.55 -4.57 -8.67
N GLU A 131 -3.00 -5.19 -9.70
CA GLU A 131 -3.74 -6.14 -10.51
C GLU A 131 -2.94 -7.41 -10.64
N GLY A 132 -3.62 -8.53 -10.86
CA GLY A 132 -2.95 -9.81 -11.09
C GLY A 132 -2.14 -10.18 -9.87
N THR A 133 -0.98 -10.80 -10.09
CA THR A 133 -0.10 -11.21 -8.98
C THR A 133 0.94 -10.13 -8.68
N VAL A 134 0.90 -9.60 -7.47
CA VAL A 134 1.88 -8.58 -7.11
C VAL A 134 2.52 -9.01 -5.81
N ASN A 135 3.83 -9.19 -5.85
CA ASN A 135 4.54 -9.67 -4.67
C ASN A 135 5.54 -8.60 -4.23
N PHE A 136 5.28 -8.02 -3.06
CA PHE A 136 6.17 -7.01 -2.49
C PHE A 136 7.12 -7.64 -1.47
N TYR A 137 8.42 -7.35 -1.60
CA TYR A 137 9.45 -7.77 -0.63
C TYR A 137 10.16 -6.55 -0.09
N SER A 138 9.82 -6.23 1.14
CA SER A 138 10.48 -5.18 1.87
C SER A 138 11.71 -5.80 2.52
N VAL A 139 12.89 -5.60 1.93
CA VAL A 139 14.11 -6.28 2.35
C VAL A 139 15.25 -5.29 2.68
N PRO A 140 16.24 -5.74 3.46
CA PRO A 140 17.34 -4.83 3.81
C PRO A 140 18.32 -4.67 2.65
N SER A 141 18.29 -5.62 1.74
CA SER A 141 19.15 -5.60 0.57
C SER A 141 18.61 -6.57 -0.48
N TYR A 142 19.10 -6.44 -1.70
CA TYR A 142 18.77 -7.39 -2.74
C TYR A 142 19.98 -7.65 -3.60
N THR A 143 19.96 -8.77 -4.32
CA THR A 143 21.06 -9.13 -5.20
C THR A 143 20.50 -9.35 -6.60
N VAL A 144 21.06 -8.63 -7.57
CA VAL A 144 20.66 -8.81 -8.96
C VAL A 144 21.84 -8.50 -9.88
N GLY A 145 21.93 -9.24 -11.00
CA GLY A 145 22.97 -8.99 -11.97
C GLY A 145 24.37 -9.26 -11.44
N GLY A 146 24.44 -10.04 -10.38
CA GLY A 146 25.71 -10.39 -9.77
C GLY A 146 26.13 -9.43 -8.67
N GLN A 147 25.35 -8.36 -8.48
CA GLN A 147 25.75 -7.39 -7.45
C GLN A 147 24.70 -7.27 -6.34
N THR A 148 25.13 -6.78 -5.19
CA THR A 148 24.27 -6.66 -4.03
C THR A 148 24.11 -5.20 -3.69
N TYR A 149 22.87 -4.83 -3.37
CA TYR A 149 22.48 -3.45 -3.16
C TYR A 149 21.73 -3.34 -1.85
N SER A 150 22.12 -2.38 -1.04
CA SER A 150 21.42 -2.10 0.21
C SER A 150 20.21 -1.23 -0.08
N THR A 151 19.10 -1.49 0.62
CA THR A 151 17.91 -0.65 0.47
C THR A 151 17.94 0.51 1.48
N ASP A 152 16.99 1.43 1.33
CA ASP A 152 16.81 2.49 2.30
C ASP A 152 15.31 2.63 2.54
N ALA A 153 14.93 3.19 3.67
CA ALA A 153 13.52 3.33 3.99
C ALA A 153 13.22 4.70 4.56
N PHE A 154 12.10 5.28 4.12
CA PHE A 154 11.65 6.57 4.61
C PHE A 154 11.38 6.53 6.10
N LYS A 155 11.88 7.51 6.84
CA LYS A 155 11.80 7.48 8.30
C LYS A 155 10.98 8.63 8.86
N ILE A 156 10.19 8.32 9.88
CA ILE A 156 9.45 9.32 10.65
C ILE A 156 9.56 8.96 12.13
N GLY A 157 10.37 9.72 12.87
CA GLY A 157 10.62 9.47 14.29
C GLY A 157 10.62 7.99 14.68
N ASP A 167 11.56 7.24 14.08
CA ASP A 167 11.83 5.80 14.31
C ASP A 167 10.93 4.82 13.53
N THR A 168 10.03 5.31 12.67
CA THR A 168 9.06 4.43 12.00
C THR A 168 9.13 4.45 10.46
N THR A 169 9.15 3.28 9.83
CA THR A 169 9.33 3.18 8.38
C THR A 169 8.22 2.37 7.69
N PRO A 170 7.79 2.82 6.49
CA PRO A 170 6.79 2.07 5.72
C PRO A 170 7.38 1.26 4.58
N ALA A 171 6.68 0.20 4.23
CA ALA A 171 7.00 -0.53 3.00
C ALA A 171 6.28 0.15 1.83
N ILE A 172 5.00 0.43 2.02
CA ILE A 172 4.19 1.18 1.05
C ILE A 172 3.59 2.41 1.74
N TYR A 173 3.86 3.58 1.15
CA TYR A 173 3.52 4.87 1.73
C TYR A 173 2.83 5.67 0.64
N VAL A 174 1.52 5.53 0.55
CA VAL A 174 0.72 6.12 -0.51
C VAL A 174 -0.45 6.87 0.14
N SER A 175 -0.65 8.12 -0.26
CA SER A 175 -1.53 9.02 0.49
C SER A 175 -3.03 8.66 0.47
N ASN A 176 -3.63 8.55 -0.72
CA ASN A 176 -5.12 8.56 -0.79
C ASN A 176 -5.83 7.24 -1.05
N GLU A 177 -5.31 6.44 -1.98
CA GLU A 177 -5.96 5.16 -2.35
C GLU A 177 -4.93 4.07 -2.59
N ILE A 178 -5.22 2.89 -2.08
CA ILE A 178 -4.54 1.68 -2.55
C ILE A 178 -5.66 0.73 -2.94
N ASN A 179 -5.73 0.40 -4.24
CA ASN A 179 -6.80 -0.41 -4.78
C ASN A 179 -6.26 -1.76 -5.23
N ILE A 180 -6.90 -2.83 -4.76
CA ILE A 180 -6.55 -4.17 -5.19
C ILE A 180 -7.71 -4.65 -6.02
N ALA A 181 -7.44 -4.89 -7.29
CA ALA A 181 -8.50 -5.19 -8.26
C ALA A 181 -9.15 -6.57 -8.03
N ASP A 182 -10.35 -6.77 -8.59
CA ASP A 182 -10.97 -8.10 -8.64
C ASP A 182 -9.95 -9.16 -9.10
N ASN A 183 -10.01 -10.33 -8.46
CA ASN A 183 -9.14 -11.45 -8.82
C ASN A 183 -7.65 -11.24 -8.62
N ALA A 184 -7.24 -10.11 -8.04
CA ALA A 184 -5.81 -9.94 -7.77
C ALA A 184 -5.35 -10.79 -6.60
N ASN A 185 -4.07 -11.15 -6.61
CA ASN A 185 -3.45 -11.87 -5.50
C ASN A 185 -2.22 -11.13 -5.03
N ILE A 186 -2.33 -10.49 -3.88
CA ILE A 186 -1.33 -9.55 -3.42
C ILE A 186 -0.64 -10.10 -2.18
N ALA A 187 0.68 -10.04 -2.15
CA ALA A 187 1.43 -10.48 -0.97
C ALA A 187 2.52 -9.48 -0.64
N LEU A 188 2.75 -9.27 0.65
CA LEU A 188 3.84 -8.39 1.07
C LEU A 188 4.56 -9.08 2.21
N GLU A 189 5.84 -9.38 1.96
CA GLU A 189 6.69 -10.02 2.94
C GLU A 189 7.70 -9.01 3.44
N ASN A 190 7.61 -8.72 4.72
CA ASN A 190 8.36 -7.60 5.27
C ASN A 190 9.47 -8.06 6.20
N SER A 191 10.72 -7.78 5.84
CA SER A 191 11.83 -8.05 6.74
C SER A 191 12.69 -6.82 6.95
N ALA A 192 12.24 -5.64 6.52
CA ALA A 192 13.05 -4.43 6.73
C ALA A 192 12.32 -3.22 7.28
N THR A 193 10.98 -3.16 7.19
CA THR A 193 10.31 -1.93 7.63
C THR A 193 9.27 -2.22 8.72
N LYS A 194 8.76 -1.18 9.38
CA LYS A 194 7.90 -1.38 10.59
C LYS A 194 6.40 -1.39 10.28
N ILE A 195 6.01 -0.68 9.23
CA ILE A 195 4.60 -0.63 8.86
C ILE A 195 4.41 -1.06 7.39
N ASP A 196 3.65 -2.13 7.17
CA ASP A 196 3.48 -2.64 5.80
C ASP A 196 2.90 -1.59 4.86
N ILE A 197 1.76 -1.04 5.27
CA ILE A 197 1.03 -0.06 4.46
C ILE A 197 0.69 1.13 5.33
N TRP A 198 1.16 2.31 4.92
CA TRP A 198 0.91 3.55 5.68
C TRP A 198 0.36 4.62 4.77
N MET A 199 -0.88 5.03 5.04
CA MET A 199 -1.54 6.06 4.22
C MET A 199 -1.84 7.31 5.06
N ILE A 200 -1.23 8.44 4.70
CA ILE A 200 -1.56 9.70 5.37
C ILE A 200 -2.17 10.69 4.37
N ALA A 201 -3.26 11.32 4.76
CA ALA A 201 -3.87 12.36 3.94
C ALA A 201 -4.45 13.40 4.89
N ASP A 202 -3.62 14.32 5.33
CA ASP A 202 -4.04 15.18 6.44
C ASP A 202 -4.31 16.63 6.04
N ILE A 203 -3.44 17.18 5.20
CA ILE A 203 -3.60 18.57 4.79
C ILE A 203 -3.35 18.61 3.29
N GLY A 204 -3.75 19.70 2.64
CA GLY A 204 -3.48 19.85 1.21
C GLY A 204 -4.68 19.85 0.28
N ILE A 205 -4.41 20.10 -1.00
CA ILE A 205 -5.46 20.18 -2.03
C ILE A 205 -6.21 18.84 -2.28
N HIS A 206 -5.54 17.70 -2.05
CA HIS A 206 -6.25 16.42 -2.19
C HIS A 206 -7.28 16.26 -1.08
N PRO A 207 -8.35 15.48 -1.33
CA PRO A 207 -9.26 15.11 -0.24
C PRO A 207 -8.44 14.52 0.89
N HIS A 208 -8.81 14.81 2.13
CA HIS A 208 -8.04 14.33 3.28
C HIS A 208 -8.59 12.96 3.67
N THR A 209 -8.50 12.02 2.72
CA THR A 209 -9.16 10.71 2.86
C THR A 209 -8.23 9.56 2.51
N THR A 210 -8.37 8.42 3.20
CA THR A 210 -7.54 7.24 2.91
C THR A 210 -8.49 6.09 2.61
N ALA A 211 -8.15 5.26 1.63
CA ALA A 211 -8.97 4.08 1.43
C ALA A 211 -8.12 2.95 0.88
N LEU A 212 -8.14 1.83 1.59
CA LEU A 212 -7.54 0.60 1.14
C LEU A 212 -8.72 -0.26 0.73
N THR A 213 -8.88 -0.43 -0.57
CA THR A 213 -10.05 -1.08 -1.10
C THR A 213 -9.68 -2.38 -1.82
N ILE A 214 -10.23 -3.49 -1.35
CA ILE A 214 -9.96 -4.77 -2.00
C ILE A 214 -11.20 -5.22 -2.76
N GLY A 215 -11.01 -5.59 -4.03
CA GLY A 215 -12.14 -5.96 -4.88
C GLY A 215 -12.60 -7.37 -4.60
N ASN A 216 -13.24 -8.00 -5.59
CA ASN A 216 -13.86 -9.30 -5.39
C ASN A 216 -12.95 -10.44 -5.78
N ASN A 217 -13.08 -11.57 -5.08
CA ASN A 217 -12.33 -12.78 -5.36
C ASN A 217 -10.84 -12.49 -5.40
N ALA A 218 -10.42 -11.58 -4.53
CA ALA A 218 -9.03 -11.20 -4.49
C ALA A 218 -8.39 -11.71 -3.21
N THR A 219 -7.07 -11.67 -3.13
CA THR A 219 -6.42 -12.00 -1.85
C THR A 219 -5.35 -11.00 -1.48
N LEU A 220 -5.23 -10.76 -0.19
CA LEU A 220 -4.14 -9.98 0.37
C LEU A 220 -3.54 -10.76 1.52
N THR A 221 -2.23 -10.97 1.47
CA THR A 221 -1.52 -11.75 2.50
C THR A 221 -0.33 -10.92 2.96
N MET A 222 -0.33 -10.55 4.22
CA MET A 222 0.77 -9.78 4.79
C MET A 222 1.05 -10.40 6.16
N GLU A 223 1.73 -11.53 6.11
CA GLU A 223 1.98 -12.36 7.28
C GLU A 223 3.32 -11.98 7.88
N ASN A 224 3.31 -10.92 8.67
CA ASN A 224 4.55 -10.30 9.12
C ASN A 224 4.57 -10.14 10.64
N GLY A 225 4.01 -11.13 11.33
CA GLY A 225 3.95 -11.12 12.79
C GLY A 225 5.34 -11.22 13.43
N ASN A 226 6.33 -11.58 12.62
CA ASN A 226 7.70 -11.77 13.06
C ASN A 226 8.53 -10.50 12.89
N ASN A 227 7.94 -9.51 12.24
CA ASN A 227 8.67 -8.32 11.83
C ASN A 227 7.94 -7.00 12.01
N SER A 228 6.73 -6.89 11.46
CA SER A 228 6.08 -5.58 11.36
C SER A 228 5.33 -5.23 12.62
N ALA A 229 5.33 -3.92 12.94
CA ALA A 229 4.55 -3.42 14.07
C ALA A 229 3.09 -3.39 13.66
N LEU A 230 2.83 -2.84 12.47
CA LEU A 230 1.45 -2.65 12.00
C LEU A 230 1.35 -3.10 10.57
N ASN A 231 0.22 -3.73 10.21
CA ASN A 231 -0.01 -4.05 8.80
C ASN A 231 -0.52 -2.82 8.05
N ILE A 232 -1.52 -2.16 8.61
CA ILE A 232 -2.20 -1.05 7.92
C ILE A 232 -2.40 0.12 8.85
N LYS A 233 -1.85 1.28 8.50
CA LYS A 233 -2.08 2.47 9.31
C LYS A 233 -2.73 3.55 8.47
N LEU A 234 -3.94 3.97 8.86
CA LEU A 234 -4.68 4.99 8.11
C LEU A 234 -4.79 6.26 8.89
N ASP A 235 -4.36 7.36 8.26
CA ASP A 235 -4.24 8.68 8.87
C ASP A 235 -4.84 9.74 7.95
N GLY A 236 -6.13 9.60 7.71
CA GLY A 236 -6.88 10.54 6.89
C GLY A 236 -7.63 11.47 7.81
N ASP A 237 -7.42 12.76 7.62
CA ASP A 237 -8.03 13.82 8.42
C ASP A 237 -9.55 13.76 8.44
N THR A 238 -10.12 13.44 7.29
CA THR A 238 -11.57 13.45 7.13
C THR A 238 -12.20 12.05 7.24
N SER A 239 -11.65 11.07 6.53
CA SER A 239 -12.26 9.73 6.56
C SER A 239 -11.21 8.67 6.23
N ASN A 240 -11.49 7.44 6.65
CA ASN A 240 -10.55 6.33 6.56
C ASN A 240 -11.33 5.05 6.31
N SER A 241 -11.05 4.36 5.21
CA SER A 241 -11.78 3.11 4.98
C SER A 241 -10.88 1.93 4.63
N PHE A 242 -11.27 0.77 5.12
CA PHE A 242 -10.59 -0.48 4.78
C PHE A 242 -11.71 -1.41 4.40
N THR A 243 -11.75 -1.79 3.14
CA THR A 243 -12.90 -2.61 2.67
C THR A 243 -12.37 -3.81 1.90
N VAL A 244 -12.98 -4.95 2.16
CA VAL A 244 -12.69 -6.22 1.49
C VAL A 244 -13.93 -6.70 0.75
N GLY A 245 -13.79 -6.95 -0.55
CA GLY A 245 -14.92 -7.24 -1.42
C GLY A 245 -15.39 -8.69 -1.33
N GLU A 246 -16.37 -9.02 -2.17
CA GLU A 246 -17.02 -10.33 -2.13
C GLU A 246 -16.09 -11.48 -2.45
N GLY A 247 -16.14 -12.52 -1.62
CA GLY A 247 -15.38 -13.74 -1.85
C GLY A 247 -13.87 -13.55 -1.75
N SER A 248 -13.44 -12.47 -1.10
CA SER A 248 -11.98 -12.21 -1.03
C SER A 248 -11.39 -12.74 0.28
N THR A 249 -10.10 -13.04 0.26
CA THR A 249 -9.43 -13.65 1.41
C THR A 249 -8.27 -12.77 1.89
N VAL A 250 -8.29 -12.42 3.18
CA VAL A 250 -7.26 -11.51 3.70
C VAL A 250 -6.61 -12.20 4.88
N LYS A 251 -5.29 -12.22 4.93
CA LYS A 251 -4.61 -12.75 6.13
C LYS A 251 -3.51 -11.78 6.50
N LEU A 252 -3.62 -11.24 7.71
CA LEU A 252 -2.70 -10.22 8.22
C LEU A 252 -2.17 -10.64 9.57
N SER A 253 -0.87 -10.46 9.78
CA SER A 253 -0.27 -10.70 11.09
C SER A 253 0.75 -9.61 11.38
N ALA A 254 0.76 -9.11 12.61
CA ALA A 254 1.66 -8.02 12.96
C ALA A 254 1.96 -8.13 14.45
N LYS A 255 3.06 -7.51 14.88
CA LYS A 255 3.46 -7.52 16.29
C LYS A 255 2.51 -6.71 17.17
N VAL A 256 2.06 -5.56 16.68
CA VAL A 256 1.18 -4.70 17.48
C VAL A 256 -0.27 -4.70 16.94
N ASP A 257 -0.58 -3.84 15.98
CA ASP A 257 -1.95 -3.83 15.43
C ASP A 257 -1.98 -4.32 13.99
N ASN A 258 -3.06 -4.99 13.60
CA ASN A 258 -3.24 -5.23 12.18
C ASN A 258 -3.70 -3.95 11.47
N VAL A 259 -4.80 -3.35 11.95
CA VAL A 259 -5.33 -2.11 11.36
C VAL A 259 -5.42 -1.05 12.42
N ARG A 260 -4.69 0.06 12.20
CA ARG A 260 -4.65 1.16 13.14
C ARG A 260 -5.18 2.38 12.44
N ILE A 261 -6.27 2.92 12.98
CA ILE A 261 -6.90 4.11 12.43
C ILE A 261 -7.08 5.14 13.56
N LEU A 262 -6.05 5.93 13.79
CA LEU A 262 -6.02 6.92 14.87
C LEU A 262 -5.50 8.25 14.34
N PRO A 263 -6.34 8.97 13.60
CA PRO A 263 -5.81 10.21 13.02
C PRO A 263 -5.51 11.24 14.10
N TYR A 264 -4.36 11.92 14.01
CA TYR A 264 -3.91 12.87 15.04
C TYR A 264 -5.08 13.76 15.53
N GLU A 265 -5.38 14.73 14.69
CA GLU A 265 -6.62 15.42 14.43
C GLU A 265 -8.03 14.97 14.97
N ASP A 266 -9.08 15.78 14.71
CA ASP A 266 -10.48 15.47 15.13
C ASP A 266 -11.47 15.71 13.95
N SER A 267 -12.74 15.36 14.12
CA SER A 267 -13.72 15.42 13.03
C SER A 267 -13.40 14.45 11.86
N ASN A 268 -13.20 13.18 12.20
CA ASN A 268 -12.94 12.14 11.22
C ASN A 268 -13.89 10.95 11.39
N THR A 269 -14.11 10.20 10.31
CA THR A 269 -14.83 8.93 10.43
C THR A 269 -13.89 7.79 10.11
N ALA A 270 -14.23 6.57 10.53
CA ALA A 270 -13.44 5.40 10.14
C ALA A 270 -14.41 4.26 9.85
N ASN A 271 -14.16 3.54 8.75
CA ASN A 271 -15.02 2.42 8.31
C ASN A 271 -14.19 1.19 7.93
N VAL A 272 -14.58 0.04 8.44
CA VAL A 272 -14.02 -1.23 8.04
C VAL A 272 -15.19 -2.07 7.60
N SER A 273 -15.12 -2.65 6.40
CA SER A 273 -16.25 -3.45 5.90
C SER A 273 -15.75 -4.75 5.25
N PHE A 274 -16.38 -5.88 5.60
CA PHE A 274 -16.04 -7.17 4.99
C PHE A 274 -17.27 -7.72 4.30
N ALA A 275 -17.17 -7.90 2.99
CA ALA A 275 -18.32 -8.22 2.18
C ALA A 275 -18.67 -9.71 2.27
N LYS A 276 -19.83 -10.06 1.69
CA LYS A 276 -20.31 -11.43 1.74
C LYS A 276 -19.32 -12.38 1.07
N GLY A 277 -19.18 -13.57 1.65
CA GLY A 277 -18.27 -14.58 1.11
C GLY A 277 -16.81 -14.28 1.38
N SER A 278 -16.48 -13.14 2.00
CA SER A 278 -15.08 -12.91 2.29
C SER A 278 -14.60 -13.72 3.50
N ASP A 279 -13.29 -13.87 3.60
CA ASP A 279 -12.69 -14.65 4.68
C ASP A 279 -11.49 -13.85 5.19
N VAL A 280 -11.62 -13.31 6.38
CA VAL A 280 -10.64 -12.39 6.90
C VAL A 280 -10.08 -12.95 8.20
N THR A 281 -8.76 -13.04 8.26
CA THR A 281 -8.07 -13.48 9.47
C THR A 281 -7.05 -12.45 9.89
N LEU A 282 -7.20 -11.89 11.08
CA LEU A 282 -6.24 -10.93 11.61
C LEU A 282 -5.59 -11.51 12.88
N HIS A 283 -4.26 -11.40 12.97
CA HIS A 283 -3.50 -11.91 14.10
C HIS A 283 -2.59 -10.81 14.63
N ALA A 284 -2.86 -10.34 15.83
CA ALA A 284 -2.05 -9.31 16.45
C ALA A 284 -1.30 -9.90 17.65
N GLY A 285 -0.12 -9.40 17.94
CA GLY A 285 0.64 -9.88 19.11
C GLY A 285 0.19 -9.15 20.37
N THR A 286 0.63 -7.92 20.56
CA THR A 286 0.33 -7.22 21.81
C THR A 286 -0.77 -6.15 21.72
N GLY A 287 -1.09 -5.76 20.48
CA GLY A 287 -2.04 -4.70 20.22
C GLY A 287 -3.37 -5.26 19.76
N SER A 288 -4.05 -4.55 18.87
CA SER A 288 -5.41 -4.95 18.49
C SER A 288 -5.50 -5.32 17.01
N ASN A 289 -6.45 -6.19 16.67
CA ASN A 289 -6.75 -6.47 15.26
C ASN A 289 -7.29 -5.23 14.59
N LEU A 290 -8.18 -4.53 15.31
CA LEU A 290 -8.73 -3.28 14.80
C LEU A 290 -8.64 -2.25 15.92
N ARG A 291 -7.80 -1.23 15.73
CA ARG A 291 -7.65 -0.15 16.69
C ARG A 291 -8.22 1.09 16.03
N MET A 292 -9.41 1.50 16.42
CA MET A 292 -10.09 2.58 15.72
C MET A 292 -10.36 3.75 16.65
N GLY A 293 -9.91 4.94 16.27
CA GLY A 293 -10.13 6.11 17.11
C GLY A 293 -10.54 7.35 16.37
N ALA A 294 -11.35 7.20 15.32
CA ALA A 294 -11.87 8.39 14.66
C ALA A 294 -12.84 9.10 15.60
N SER A 295 -12.96 10.42 15.48
CA SER A 295 -13.75 11.20 16.48
C SER A 295 -15.27 11.14 16.27
N ILE A 296 -15.71 11.05 15.03
CA ILE A 296 -17.14 11.12 14.77
C ILE A 296 -17.75 9.74 14.90
N SER A 297 -17.15 8.75 14.25
CA SER A 297 -17.72 7.42 14.23
C SER A 297 -16.68 6.40 13.85
N ASN A 298 -16.85 5.19 14.37
CA ASN A 298 -16.02 4.05 14.00
C ASN A 298 -16.92 2.86 13.74
N GLN A 299 -16.98 2.46 12.48
CA GLN A 299 -17.99 1.49 12.09
C GLN A 299 -17.37 0.26 11.40
N ILE A 300 -17.78 -0.94 11.84
CA ILE A 300 -17.34 -2.19 11.22
C ILE A 300 -18.55 -2.89 10.66
N ASP A 301 -18.53 -3.22 9.36
CA ASP A 301 -19.65 -3.97 8.77
C ASP A 301 -19.15 -5.38 8.49
N PHE A 302 -19.77 -6.36 9.15
CA PHE A 302 -19.43 -7.77 8.93
C PHE A 302 -20.47 -8.42 8.04
N ASN A 303 -20.03 -8.96 6.92
CA ASN A 303 -20.91 -9.76 6.07
C ASN A 303 -20.37 -11.15 5.82
N GLY A 304 -19.17 -11.43 6.31
CA GLY A 304 -18.54 -12.69 5.93
C GLY A 304 -17.90 -13.39 7.10
N LYS A 305 -16.95 -14.27 6.81
CA LYS A 305 -16.28 -15.00 7.87
C LYS A 305 -15.08 -14.22 8.38
N ALA A 306 -14.99 -14.01 9.68
CA ALA A 306 -13.86 -13.24 10.23
C ALA A 306 -13.31 -13.86 11.49
N THR A 307 -11.99 -13.97 11.54
CA THR A 307 -11.31 -14.56 12.69
C THR A 307 -10.26 -13.62 13.19
N PHE A 308 -10.41 -13.16 14.45
CA PHE A 308 -9.49 -12.15 15.01
C PHE A 308 -8.68 -12.80 16.13
N ILE A 309 -7.36 -12.75 16.04
CA ILE A 309 -6.51 -13.44 17.02
C ILE A 309 -5.55 -12.42 17.66
N LYS A 310 -5.54 -12.44 18.97
CA LYS A 310 -4.69 -11.54 19.73
C LYS A 310 -3.92 -12.38 20.78
N ASP A 311 -2.59 -12.28 20.77
CA ASP A 311 -1.75 -13.14 21.62
C ASP A 311 -1.83 -12.75 23.10
N SER A 312 -1.79 -11.45 23.36
CA SER A 312 -1.88 -10.89 24.71
C SER A 312 -2.40 -9.45 24.69
N GLU A 329 0.25 6.80 21.73
CA GLU A 329 -0.45 5.52 21.70
C GLU A 329 0.49 4.37 22.04
N PHE A 330 0.11 3.58 23.03
CA PHE A 330 1.00 2.51 23.48
C PHE A 330 0.84 1.24 22.67
N ASP A 331 1.91 0.45 22.64
CA ASP A 331 2.00 -0.78 21.85
C ASP A 331 1.23 -1.99 22.43
N TYR A 332 0.55 -1.84 23.57
CA TYR A 332 -0.20 -2.97 24.15
C TYR A 332 -1.68 -2.62 24.33
N TYR A 333 -2.55 -3.61 24.05
CA TYR A 333 -4.01 -3.50 24.27
C TYR A 333 -4.72 -4.59 25.02
N TRP A 334 -5.95 -4.24 25.41
CA TRP A 334 -6.79 -5.09 26.26
C TRP A 334 -7.67 -6.04 25.43
N ASN A 335 -7.75 -5.75 24.14
CA ASN A 335 -8.87 -6.23 23.33
C ASN A 335 -8.62 -6.46 21.82
N ASP A 336 -9.31 -7.45 21.25
CA ASP A 336 -9.17 -7.72 19.82
C ASP A 336 -9.57 -6.48 19.02
N GLN A 337 -10.69 -5.90 19.38
CA GLN A 337 -11.11 -4.64 18.79
C GLN A 337 -11.05 -3.60 19.88
N GLN A 338 -10.30 -2.54 19.61
CA GLN A 338 -10.19 -1.40 20.52
C GLN A 338 -10.74 -0.13 19.94
N LYS A 339 -11.74 0.44 20.59
CA LYS A 339 -12.16 1.76 20.21
C LYS A 339 -11.45 2.71 21.16
N THR A 340 -10.30 3.24 20.74
CA THR A 340 -9.45 4.09 21.60
C THR A 340 -9.90 5.53 21.50
N GLY A 341 -10.65 5.80 20.44
CA GLY A 341 -11.29 7.06 20.21
C GLY A 341 -12.73 6.69 20.46
N SER A 342 -13.35 7.46 21.32
CA SER A 342 -14.60 7.09 21.95
C SER A 342 -15.74 6.78 20.96
N THR A 343 -16.16 5.50 20.96
CA THR A 343 -17.48 4.97 20.44
C THR A 343 -17.42 4.13 19.15
N GLY A 344 -17.95 2.91 19.19
CA GLY A 344 -17.86 1.98 18.07
C GLY A 344 -19.20 1.33 17.73
N VAL A 345 -19.35 0.91 16.48
CA VAL A 345 -20.56 0.21 16.07
C VAL A 345 -20.15 -0.99 15.23
N ALA A 346 -20.65 -2.16 15.58
CA ALA A 346 -20.44 -3.31 14.72
C ALA A 346 -21.81 -3.76 14.16
N ASN A 347 -21.89 -3.83 12.83
CA ASN A 347 -23.07 -4.34 12.13
C ASN A 347 -22.85 -5.79 11.67
N PHE A 348 -23.82 -6.65 11.98
CA PHE A 348 -23.74 -8.06 11.59
C PHE A 348 -24.92 -8.40 10.65
N ASN A 349 -24.58 -8.63 9.38
CA ASN A 349 -25.56 -8.91 8.33
C ASN A 349 -25.49 -10.37 7.94
N PRO A 350 -26.53 -10.89 7.24
CA PRO A 350 -26.50 -12.30 6.82
C PRO A 350 -25.21 -12.70 6.14
N GLY A 351 -24.70 -13.86 6.54
CA GLY A 351 -23.40 -14.31 6.10
C GLY A 351 -22.33 -14.09 7.13
N SER A 352 -22.61 -13.23 8.13
CA SER A 352 -21.61 -12.88 9.13
C SER A 352 -21.34 -14.08 10.04
N ASN A 353 -20.06 -14.28 10.36
CA ASN A 353 -19.60 -15.40 11.17
C ASN A 353 -18.29 -14.94 11.80
N VAL A 354 -18.34 -14.43 13.03
CA VAL A 354 -17.18 -13.79 13.63
C VAL A 354 -16.66 -14.53 14.89
N LEU A 355 -15.35 -14.73 14.94
CA LEU A 355 -14.75 -15.39 16.10
C LEU A 355 -13.58 -14.57 16.62
N PHE A 356 -13.57 -14.29 17.92
CA PHE A 356 -12.44 -13.60 18.53
C PHE A 356 -11.65 -14.56 19.40
N GLN A 357 -10.33 -14.56 19.24
CA GLN A 357 -9.46 -15.38 20.07
C GLN A 357 -8.45 -14.51 20.79
N ALA A 358 -8.34 -14.69 22.10
CA ALA A 358 -7.42 -13.90 22.91
C ALA A 358 -6.97 -14.67 24.17
N GLY A 359 -5.78 -14.33 24.67
CA GLY A 359 -5.25 -14.92 25.89
C GLY A 359 -5.93 -14.50 27.18
N PRO A 360 -5.62 -15.21 28.30
CA PRO A 360 -6.20 -14.94 29.62
C PRO A 360 -6.05 -13.49 30.04
N GLY A 361 -7.11 -12.94 30.61
CA GLY A 361 -7.12 -11.52 30.96
C GLY A 361 -7.41 -10.52 29.85
N ALA A 362 -7.32 -10.94 28.58
CA ALA A 362 -7.66 -10.05 27.46
C ALA A 362 -9.16 -10.00 27.26
N SER A 363 -9.61 -8.91 26.64
CA SER A 363 -10.99 -8.73 26.23
C SER A 363 -11.10 -8.92 24.71
N ASN A 364 -12.32 -9.00 24.16
CA ASN A 364 -12.47 -9.01 22.70
C ASN A 364 -12.84 -7.64 22.13
N VAL A 365 -13.67 -6.88 22.85
CA VAL A 365 -13.95 -5.50 22.47
C VAL A 365 -13.85 -4.63 23.70
N ASN A 366 -13.08 -3.57 23.56
CA ASN A 366 -12.86 -2.68 24.69
C ASN A 366 -12.85 -1.26 24.20
N THR A 367 -13.05 -0.33 25.12
CA THR A 367 -13.10 1.09 24.79
C THR A 367 -12.15 1.82 25.72
N TYR A 368 -11.53 2.88 25.21
CA TYR A 368 -10.51 3.62 25.91
C TYR A 368 -10.78 5.12 25.81
#